data_2M8Z
#
_entry.id   2M8Z
#
_entity_poly.entity_id   1
_entity_poly.type   'polydeoxyribonucleotide'
_entity_poly.pdbx_seq_one_letter_code
;(DG)(DG)(DT)(DT)(DG)(DG)(DC)(DG)(DC)(DG)(DA)(DA)(DG)(DC)(DA)(DT)(DT)(DC)(DG)(DC)
(DG)(DG)(DG)(DT)(DT)(DG)(DG)
;
_entity_poly.pdbx_strand_id   A
#
loop_
_chem_comp.id
_chem_comp.type
_chem_comp.name
_chem_comp.formula
DA DNA linking 2'-DEOXYADENOSINE-5'-MONOPHOSPHATE 'C10 H14 N5 O6 P'
DC DNA linking 2'-DEOXYCYTIDINE-5'-MONOPHOSPHATE 'C9 H14 N3 O7 P'
DG DNA linking 2'-DEOXYGUANOSINE-5'-MONOPHOSPHATE 'C10 H14 N5 O7 P'
DT DNA linking THYMIDINE-5'-MONOPHOSPHATE 'C10 H15 N2 O8 P'
#